data_6GY5
#
_entry.id   6GY5
#
_cell.length_a   40.459
_cell.length_b   47.361
_cell.length_c   151.933
_cell.angle_alpha   90.00
_cell.angle_beta   90.00
_cell.angle_gamma   90.00
#
_symmetry.space_group_name_H-M   'P 21 21 21'
#
loop_
_entity.id
_entity.type
_entity.pdbx_description
1 polymer 'Kelch-like protein 20'
2 polymer 'Death-associated protein kinase 1'
3 non-polymer 'CHLORIDE ION'
4 non-polymer 1,2-ETHANEDIOL
5 non-polymer 'SODIUM ION'
6 water water
#
loop_
_entity_poly.entity_id
_entity_poly.type
_entity_poly.pdbx_seq_one_letter_code
_entity_poly.pdbx_strand_id
1 'polypeptide(L)'
;SMQGPRTRPRKPIRCGEVLFAVGGWCSGDAISSVERYDPQTNEWRMVASMSKRRCGVGVSVLDDLLYAVGGHDGSSYLNS
VERYDPKTNQWSSDVAPTSTCRTSVGVAVLGGFLYAVGGQDGVSCLNIVERYDPKENKWTRVASMSTRRLGVAVAVLGGF
LYAVGGSDGTSPLNTVERYNPQENRWHTIAPMGTRRKHLGCAVYQDMIYAVGGRDDTTELSSAERYNPRTNQWSPVVAMT
SRRSGVGLAVVNGQLMAVGGFDGTTYLKTIEVFDPDANTWRLYGGMNYRRLGGGVGVIKMTHCE
;
A
2 'polypeptide(L)' LGLPDLVAKYN U
#
# COMPACT_ATOMS: atom_id res chain seq x y z
N GLY A 16 -13.79 -16.93 6.97
CA GLY A 16 -13.32 -15.86 7.84
C GLY A 16 -11.95 -15.34 7.44
N GLU A 17 -11.81 -14.03 7.37
CA GLU A 17 -10.55 -13.39 7.00
C GLU A 17 -9.90 -12.76 8.20
N VAL A 18 -8.57 -12.70 8.19
CA VAL A 18 -7.83 -11.95 9.16
C VAL A 18 -6.91 -10.95 8.41
N LEU A 19 -6.55 -9.90 9.10
CA LEU A 19 -5.71 -8.88 8.50
C LEU A 19 -4.35 -8.87 9.21
N PHE A 20 -3.26 -8.75 8.41
CA PHE A 20 -1.93 -8.64 8.98
C PHE A 20 -1.39 -7.24 8.72
N ALA A 21 -0.85 -6.60 9.75
CA ALA A 21 -0.13 -5.33 9.63
C ALA A 21 1.36 -5.63 9.76
N VAL A 22 2.13 -5.17 8.78
CA VAL A 22 3.50 -5.59 8.60
C VAL A 22 4.45 -4.40 8.60
N GLY A 23 5.44 -4.40 9.48
CA GLY A 23 6.50 -3.40 9.40
C GLY A 23 6.05 -1.97 9.64
N GLY A 24 6.74 -1.04 8.99
CA GLY A 24 6.48 0.39 9.15
C GLY A 24 7.62 1.15 9.79
N TRP A 25 7.28 2.35 10.26
CA TRP A 25 8.22 3.30 10.86
C TRP A 25 7.57 3.90 12.09
N CYS A 26 8.36 4.13 13.12
CA CYS A 26 7.89 4.88 14.27
C CYS A 26 9.08 5.53 14.94
N SER A 27 8.99 6.84 15.15
CA SER A 27 9.94 7.59 15.96
C SER A 27 11.40 7.24 15.67
N GLY A 28 11.78 7.29 14.39
CA GLY A 28 13.17 7.16 14.01
C GLY A 28 13.64 5.76 13.64
N ASP A 29 12.79 4.75 13.81
CA ASP A 29 13.18 3.37 13.52
C ASP A 29 12.20 2.69 12.58
N ALA A 30 12.75 1.87 11.68
CA ALA A 30 11.92 0.95 10.92
C ALA A 30 11.59 -0.25 11.78
N ILE A 31 10.54 -0.96 11.38
CA ILE A 31 9.90 -1.96 12.21
C ILE A 31 9.92 -3.33 11.52
N SER A 32 10.30 -4.37 12.26
CA SER A 32 10.25 -5.74 11.74
C SER A 32 9.05 -6.53 12.29
N SER A 33 8.39 -5.99 13.31
CA SER A 33 7.28 -6.71 13.93
C SER A 33 6.05 -6.77 13.01
N VAL A 34 5.21 -7.75 13.30
CA VAL A 34 4.03 -8.06 12.51
C VAL A 34 2.91 -8.43 13.46
N GLU A 35 1.70 -7.97 13.20
CA GLU A 35 0.58 -8.35 14.05
C GLU A 35 -0.65 -8.70 13.22
N ARG A 36 -1.54 -9.44 13.85
CA ARG A 36 -2.68 -10.06 13.21
C ARG A 36 -3.95 -9.61 13.89
N TYR A 37 -4.91 -9.13 13.09
CA TYR A 37 -6.20 -8.71 13.59
C TYR A 37 -7.26 -9.75 13.30
N ASP A 38 -7.95 -10.17 14.35
CA ASP A 38 -9.06 -11.10 14.23
C ASP A 38 -10.38 -10.36 14.43
N PRO A 39 -11.15 -10.22 13.34
CA PRO A 39 -12.43 -9.50 13.35
C PRO A 39 -13.42 -10.07 14.36
N GLN A 40 -13.43 -11.40 14.50
CA GLN A 40 -14.39 -12.08 15.35
C GLN A 40 -14.23 -11.67 16.82
N THR A 41 -13.02 -11.30 17.21
CA THR A 41 -12.74 -10.95 18.60
C THR A 41 -12.27 -9.49 18.75
N ASN A 42 -12.05 -8.80 17.66
CA ASN A 42 -11.53 -7.45 17.67
C ASN A 42 -10.21 -7.36 18.45
N GLU A 43 -9.34 -8.32 18.28
CA GLU A 43 -8.08 -8.31 18.95
C GLU A 43 -6.86 -8.35 18.01
N TRP A 44 -5.85 -7.59 18.36
CA TRP A 44 -4.58 -7.60 17.64
C TRP A 44 -3.55 -8.40 18.42
N ARG A 45 -2.96 -9.40 17.77
CA ARG A 45 -1.94 -10.22 18.41
C ARG A 45 -0.64 -10.24 17.62
N MET A 46 0.48 -10.18 18.32
CA MET A 46 1.77 -10.24 17.65
C MET A 46 2.00 -11.63 17.07
N VAL A 47 2.56 -11.67 15.87
CA VAL A 47 3.00 -12.93 15.28
C VAL A 47 4.51 -12.82 15.01
N ALA A 48 5.07 -13.75 14.25
CA ALA A 48 6.52 -13.74 14.01
C ALA A 48 6.97 -12.47 13.32
N SER A 49 8.13 -11.95 13.75
CA SER A 49 8.74 -10.80 13.10
C SER A 49 9.45 -11.18 11.81
N MET A 50 9.51 -10.23 10.89
CA MET A 50 10.29 -10.39 9.68
C MET A 50 11.77 -10.47 9.99
N SER A 51 12.54 -10.95 9.03
CA SER A 51 13.99 -10.98 9.14
CA SER A 51 13.99 -10.98 9.14
C SER A 51 14.57 -9.57 9.09
N LYS A 52 13.87 -8.67 8.39
CA LYS A 52 14.32 -7.29 8.22
C LYS A 52 13.30 -6.31 8.78
N ARG A 53 13.79 -5.20 9.33
CA ARG A 53 12.97 -4.02 9.53
C ARG A 53 12.63 -3.46 8.16
N ARG A 54 11.36 -3.13 7.92
CA ARG A 54 10.95 -2.61 6.62
C ARG A 54 9.87 -1.54 6.74
N CYS A 55 10.22 -0.28 6.47
CA CYS A 55 9.21 0.75 6.25
C CYS A 55 9.07 1.00 4.74
N GLY A 56 7.93 1.54 4.31
CA GLY A 56 7.69 1.69 2.89
C GLY A 56 7.68 0.34 2.20
N VAL A 57 7.16 -0.66 2.90
CA VAL A 57 7.16 -2.04 2.42
C VAL A 57 5.88 -2.35 1.63
N GLY A 58 6.02 -3.05 0.52
CA GLY A 58 4.86 -3.48 -0.27
C GLY A 58 4.36 -4.81 0.24
N VAL A 59 3.07 -4.91 0.53
CA VAL A 59 2.53 -6.13 1.12
C VAL A 59 1.29 -6.58 0.35
N SER A 60 1.21 -7.88 0.06
CA SER A 60 -0.01 -8.46 -0.46
C SER A 60 0.01 -9.96 -0.18
N VAL A 61 -1.05 -10.64 -0.57
CA VAL A 61 -1.21 -12.07 -0.33
C VAL A 61 -1.38 -12.77 -1.67
N LEU A 62 -0.57 -13.81 -1.88
CA LEU A 62 -0.62 -14.61 -3.10
C LEU A 62 -0.56 -16.06 -2.72
N ASP A 63 -1.57 -16.83 -3.14
CA ASP A 63 -1.64 -18.25 -2.83
C ASP A 63 -1.49 -18.51 -1.33
N ASP A 64 -2.18 -17.72 -0.53
CA ASP A 64 -2.26 -17.92 0.92
C ASP A 64 -0.93 -17.67 1.64
N LEU A 65 -0.03 -16.95 0.98
CA LEU A 65 1.21 -16.52 1.63
C LEU A 65 1.27 -15.00 1.61
N LEU A 66 1.78 -14.43 2.70
CA LEU A 66 1.86 -12.99 2.89
C LEU A 66 3.25 -12.50 2.48
N TYR A 67 3.32 -11.61 1.49
CA TYR A 67 4.59 -11.12 0.97
C TYR A 67 4.94 -9.74 1.52
N ALA A 68 6.23 -9.55 1.81
CA ALA A 68 6.79 -8.26 2.17
C ALA A 68 7.89 -7.94 1.18
N VAL A 69 7.64 -6.93 0.34
CA VAL A 69 8.51 -6.57 -0.76
C VAL A 69 9.27 -5.28 -0.45
N GLY A 70 10.60 -5.36 -0.39
CA GLY A 70 11.41 -4.17 -0.33
C GLY A 70 11.27 -3.38 0.95
N GLY A 71 11.24 -2.07 0.81
CA GLY A 71 11.20 -1.17 1.94
C GLY A 71 12.56 -0.57 2.25
N HIS A 72 12.71 -0.11 3.50
CA HIS A 72 13.92 0.55 3.95
C HIS A 72 14.08 0.15 5.41
N ASP A 73 15.28 -0.24 5.82
CA ASP A 73 15.46 -0.76 7.17
C ASP A 73 15.93 0.29 8.19
N GLY A 74 15.94 1.56 7.78
CA GLY A 74 16.46 2.62 8.63
C GLY A 74 17.85 3.06 8.20
N SER A 75 18.59 2.14 7.59
CA SER A 75 19.94 2.42 7.10
C SER A 75 20.05 2.35 5.58
N SER A 76 19.32 1.41 4.98
CA SER A 76 19.47 1.12 3.57
C SER A 76 18.13 0.89 2.87
N TYR A 77 18.07 1.27 1.59
CA TYR A 77 17.01 0.87 0.70
C TYR A 77 17.18 -0.63 0.42
N LEU A 78 16.08 -1.36 0.28
CA LEU A 78 16.12 -2.82 0.18
C LEU A 78 15.58 -3.33 -1.14
N ASN A 79 16.19 -4.40 -1.65
CA ASN A 79 15.62 -5.13 -2.80
C ASN A 79 15.21 -6.58 -2.45
N SER A 80 15.31 -6.93 -1.17
CA SER A 80 14.92 -8.27 -0.76
C SER A 80 13.41 -8.40 -0.61
N VAL A 81 12.96 -9.66 -0.63
CA VAL A 81 11.55 -10.01 -0.46
C VAL A 81 11.47 -11.19 0.49
N GLU A 82 10.54 -11.17 1.44
CA GLU A 82 10.33 -12.33 2.29
C GLU A 82 8.84 -12.63 2.35
N ARG A 83 8.50 -13.85 2.76
CA ARG A 83 7.09 -14.22 2.80
C ARG A 83 6.78 -15.06 4.01
N TYR A 84 5.52 -14.97 4.41
CA TYR A 84 5.05 -15.52 5.68
C TYR A 84 3.94 -16.53 5.46
N ASP A 85 4.06 -17.67 6.13
CA ASP A 85 3.02 -18.69 6.10
C ASP A 85 2.30 -18.67 7.44
N PRO A 86 1.03 -18.25 7.45
CA PRO A 86 0.29 -18.21 8.71
C PRO A 86 0.17 -19.58 9.38
N LYS A 87 0.23 -20.64 8.59
CA LYS A 87 0.11 -21.98 9.12
C LYS A 87 1.30 -22.38 9.99
N THR A 88 2.47 -21.88 9.65
CA THR A 88 3.66 -22.21 10.41
C THR A 88 4.17 -21.05 11.27
N ASN A 89 3.61 -19.86 11.06
CA ASN A 89 4.08 -18.66 11.73
C ASN A 89 5.57 -18.44 11.51
N GLN A 90 6.00 -18.66 10.27
CA GLN A 90 7.39 -18.43 9.90
C GLN A 90 7.50 -17.52 8.66
N TRP A 91 8.50 -16.65 8.73
CA TRP A 91 8.90 -15.85 7.58
C TRP A 91 10.06 -16.62 6.94
N SER A 92 10.09 -16.57 5.61
N SER A 92 10.00 -16.61 5.56
N SER A 92 10.00 -16.61 5.56
CA SER A 92 11.15 -17.16 4.84
CA SER A 92 11.07 -17.20 4.79
CA SER A 92 11.07 -17.20 4.79
C SER A 92 11.74 -16.17 3.86
C SER A 92 11.66 -16.20 3.81
C SER A 92 11.66 -16.20 3.81
N SER A 93 13.03 -16.14 3.80
CA SER A 93 13.79 -15.29 2.86
C SER A 93 14.16 -16.15 1.65
N ASP A 94 13.16 -16.81 1.11
CA ASP A 94 13.32 -17.76 -0.01
C ASP A 94 12.73 -17.27 -1.34
N VAL A 95 12.53 -15.96 -1.41
CA VAL A 95 11.96 -15.33 -2.58
C VAL A 95 13.04 -14.55 -3.33
N ALA A 96 13.04 -14.67 -4.65
CA ALA A 96 13.99 -13.90 -5.45
C ALA A 96 13.85 -12.41 -5.16
N PRO A 97 14.99 -11.68 -5.17
CA PRO A 97 14.94 -10.23 -4.95
C PRO A 97 14.43 -9.50 -6.19
N THR A 98 13.94 -8.28 -6.00
CA THR A 98 13.59 -7.46 -7.15
C THR A 98 14.85 -6.92 -7.84
N SER A 99 14.69 -6.43 -9.08
CA SER A 99 15.83 -6.02 -9.89
C SER A 99 16.53 -4.76 -9.38
N THR A 100 15.79 -3.96 -8.62
CA THR A 100 16.31 -2.74 -8.00
C THR A 100 15.75 -2.68 -6.59
N CYS A 101 16.27 -1.79 -5.75
CA CYS A 101 15.60 -1.53 -4.50
C CYS A 101 14.20 -1.01 -4.78
N ARG A 102 13.27 -1.30 -3.86
CA ARG A 102 11.87 -0.91 -4.00
C ARG A 102 11.35 -0.40 -2.66
N THR A 103 11.31 0.92 -2.48
CA THR A 103 10.86 1.50 -1.22
C THR A 103 9.64 2.36 -1.52
N SER A 104 8.61 2.24 -0.69
CA SER A 104 7.34 2.94 -0.93
C SER A 104 6.78 2.52 -2.29
N VAL A 105 6.79 1.20 -2.47
CA VAL A 105 6.36 0.49 -3.65
C VAL A 105 4.92 -0.03 -3.46
N GLY A 106 4.12 0.00 -4.53
CA GLY A 106 2.79 -0.57 -4.48
C GLY A 106 2.83 -2.03 -4.93
N VAL A 107 2.16 -2.91 -4.19
CA VAL A 107 2.16 -4.33 -4.53
C VAL A 107 0.74 -4.86 -4.53
N ALA A 108 0.38 -5.60 -5.58
CA ALA A 108 -0.94 -6.23 -5.69
C ALA A 108 -0.85 -7.46 -6.56
N VAL A 109 -1.89 -8.29 -6.50
CA VAL A 109 -1.93 -9.54 -7.25
C VAL A 109 -2.95 -9.47 -8.37
N LEU A 110 -2.54 -9.95 -9.54
CA LEU A 110 -3.42 -10.01 -10.68
C LEU A 110 -3.00 -11.19 -11.55
N GLY A 111 -3.95 -12.06 -11.86
CA GLY A 111 -3.68 -13.18 -12.75
C GLY A 111 -2.63 -14.16 -12.22
N GLY A 112 -2.53 -14.28 -10.90
CA GLY A 112 -1.59 -15.22 -10.31
C GLY A 112 -0.17 -14.70 -10.17
N PHE A 113 0.04 -13.43 -10.51
CA PHE A 113 1.34 -12.77 -10.35
C PHE A 113 1.26 -11.70 -9.27
N LEU A 114 2.38 -11.47 -8.59
CA LEU A 114 2.50 -10.36 -7.66
C LEU A 114 3.25 -9.21 -8.35
N TYR A 115 2.60 -8.06 -8.50
CA TYR A 115 3.20 -6.92 -9.17
C TYR A 115 3.84 -5.97 -8.16
N ALA A 116 5.02 -5.45 -8.51
CA ALA A 116 5.69 -4.39 -7.78
C ALA A 116 5.74 -3.16 -8.68
N VAL A 117 5.08 -2.10 -8.23
CA VAL A 117 4.81 -0.91 -9.01
C VAL A 117 5.47 0.32 -8.39
N GLY A 118 6.32 1.01 -9.14
CA GLY A 118 6.86 2.27 -8.67
C GLY A 118 7.74 2.13 -7.45
N GLY A 119 7.72 3.16 -6.63
CA GLY A 119 8.60 3.25 -5.47
C GLY A 119 9.76 4.21 -5.80
N GLN A 120 10.77 4.13 -4.92
CA GLN A 120 12.06 4.81 -5.10
C GLN A 120 13.15 3.75 -4.83
N ASP A 121 14.30 3.90 -5.51
CA ASP A 121 15.40 2.94 -5.28
C ASP A 121 16.52 3.52 -4.46
N GLY A 122 16.33 4.75 -3.99
CA GLY A 122 17.36 5.45 -3.22
C GLY A 122 18.06 6.53 -4.02
N VAL A 123 18.05 6.39 -5.34
CA VAL A 123 18.64 7.37 -6.23
C VAL A 123 17.58 8.05 -7.09
N SER A 124 16.51 7.32 -7.42
CA SER A 124 15.49 7.87 -8.28
CA SER A 124 15.49 7.84 -8.32
C SER A 124 14.09 7.41 -7.90
N CYS A 125 13.11 8.18 -8.33
CA CYS A 125 11.73 7.79 -8.32
CA CYS A 125 11.72 7.76 -8.28
C CYS A 125 11.50 6.83 -9.49
N LEU A 126 10.71 5.78 -9.28
CA LEU A 126 10.61 4.73 -10.29
C LEU A 126 9.31 4.71 -11.07
N ASN A 127 9.41 4.55 -12.38
CA ASN A 127 8.22 4.20 -13.16
CA ASN A 127 8.26 4.21 -13.22
C ASN A 127 8.24 2.72 -13.56
N ILE A 128 9.29 1.99 -13.19
CA ILE A 128 9.35 0.58 -13.54
C ILE A 128 8.36 -0.29 -12.75
N VAL A 129 8.03 -1.42 -13.37
CA VAL A 129 7.05 -2.36 -12.88
C VAL A 129 7.59 -3.76 -13.16
N GLU A 130 7.59 -4.62 -12.15
CA GLU A 130 7.95 -6.01 -12.42
C GLU A 130 6.98 -6.92 -11.71
N ARG A 131 6.89 -8.15 -12.18
CA ARG A 131 5.96 -9.08 -11.56
C ARG A 131 6.61 -10.39 -11.25
N TYR A 132 6.14 -10.96 -10.16
CA TYR A 132 6.69 -12.17 -9.56
C TYR A 132 5.79 -13.35 -9.88
N ASP A 133 6.40 -14.37 -10.46
CA ASP A 133 5.73 -15.63 -10.76
C ASP A 133 6.11 -16.61 -9.65
N PRO A 134 5.17 -16.94 -8.77
CA PRO A 134 5.51 -17.82 -7.64
C PRO A 134 5.88 -19.23 -8.09
N LYS A 135 5.42 -19.64 -9.26
CA LYS A 135 5.72 -20.98 -9.76
C LYS A 135 7.17 -21.07 -10.19
N GLU A 136 7.75 -19.99 -10.67
CA GLU A 136 9.15 -19.96 -11.10
C GLU A 136 10.12 -19.29 -10.11
N ASN A 137 9.59 -18.67 -9.04
CA ASN A 137 10.41 -17.87 -8.12
C ASN A 137 11.23 -16.86 -8.98
N LYS A 138 10.54 -16.07 -9.78
CA LYS A 138 11.20 -15.20 -10.74
C LYS A 138 10.45 -13.89 -10.88
N TRP A 139 11.18 -12.77 -10.87
CA TRP A 139 10.64 -11.46 -11.21
C TRP A 139 10.96 -11.12 -12.65
N THR A 140 9.99 -10.57 -13.37
CA THR A 140 10.18 -10.16 -14.75
CA THR A 140 10.24 -10.12 -14.73
C THR A 140 9.65 -8.74 -14.96
N ARG A 141 10.41 -7.88 -15.62
CA ARG A 141 9.96 -6.54 -15.95
C ARG A 141 8.79 -6.61 -16.93
N VAL A 142 7.77 -5.81 -16.69
CA VAL A 142 6.71 -5.59 -17.67
C VAL A 142 6.74 -4.13 -18.08
N ALA A 143 5.72 -3.66 -18.80
CA ALA A 143 5.71 -2.27 -19.23
C ALA A 143 5.82 -1.31 -18.05
N SER A 144 6.69 -0.31 -18.20
CA SER A 144 6.77 0.79 -17.24
C SER A 144 5.59 1.73 -17.35
N MET A 145 5.26 2.38 -16.23
CA MET A 145 4.25 3.43 -16.20
C MET A 145 4.71 4.66 -16.96
N SER A 146 3.76 5.52 -17.26
CA SER A 146 3.99 6.83 -17.87
CA SER A 146 4.12 6.76 -17.92
C SER A 146 4.76 7.77 -16.96
N THR A 147 4.53 7.60 -15.66
CA THR A 147 4.98 8.54 -14.64
C THR A 147 5.77 7.81 -13.56
N ARG A 148 6.82 8.43 -13.06
CA ARG A 148 7.54 7.93 -11.88
C ARG A 148 6.69 8.16 -10.64
N ARG A 149 6.52 7.15 -9.80
CA ARG A 149 5.60 7.24 -8.67
C ARG A 149 6.17 6.58 -7.42
N LEU A 150 6.84 7.35 -6.56
CA LEU A 150 7.15 6.83 -5.23
C LEU A 150 5.94 7.03 -4.33
N GLY A 151 5.71 6.11 -3.41
CA GLY A 151 4.55 6.26 -2.55
C GLY A 151 3.22 6.14 -3.28
N VAL A 152 3.23 5.37 -4.36
CA VAL A 152 2.05 5.05 -5.13
C VAL A 152 1.21 4.06 -4.33
N ALA A 153 -0.08 4.02 -4.62
CA ALA A 153 -0.92 2.95 -4.09
C ALA A 153 -1.54 2.22 -5.28
N VAL A 154 -1.86 0.94 -5.09
CA VAL A 154 -2.37 0.14 -6.18
C VAL A 154 -3.64 -0.59 -5.77
N ALA A 155 -4.40 -1.02 -6.77
CA ALA A 155 -5.62 -1.79 -6.58
C ALA A 155 -5.90 -2.56 -7.84
N VAL A 156 -6.64 -3.65 -7.73
CA VAL A 156 -6.96 -4.50 -8.87
C VAL A 156 -8.47 -4.62 -9.01
N LEU A 157 -8.99 -4.26 -10.19
CA LEU A 157 -10.42 -4.27 -10.41
C LEU A 157 -10.71 -4.55 -11.88
N GLY A 158 -11.60 -5.49 -12.15
CA GLY A 158 -12.01 -5.76 -13.52
C GLY A 158 -10.89 -6.23 -14.43
N GLY A 159 -9.87 -6.87 -13.86
CA GLY A 159 -8.78 -7.41 -14.65
C GLY A 159 -7.67 -6.42 -14.95
N PHE A 160 -7.78 -5.21 -14.39
CA PHE A 160 -6.78 -4.15 -14.54
C PHE A 160 -6.07 -3.91 -13.22
N LEU A 161 -4.81 -3.53 -13.31
CA LEU A 161 -4.03 -3.08 -12.17
C LEU A 161 -3.94 -1.55 -12.21
N TYR A 162 -4.41 -0.90 -11.14
CA TYR A 162 -4.41 0.56 -11.07
C TYR A 162 -3.24 1.06 -10.26
N ALA A 163 -2.59 2.11 -10.75
CA ALA A 163 -1.56 2.86 -10.05
C ALA A 163 -2.09 4.25 -9.77
N VAL A 164 -2.21 4.60 -8.49
CA VAL A 164 -2.92 5.79 -8.06
C VAL A 164 -1.97 6.72 -7.30
N GLY A 165 -1.83 7.96 -7.77
CA GLY A 165 -1.06 8.94 -7.03
C GLY A 165 0.42 8.64 -6.92
N GLY A 166 1.00 8.99 -5.78
CA GLY A 166 2.43 8.94 -5.58
C GLY A 166 3.07 10.31 -5.72
N SER A 167 4.39 10.31 -5.78
CA SER A 167 5.20 11.49 -6.00
C SER A 167 6.19 11.22 -7.12
N ASP A 168 6.40 12.20 -8.00
CA ASP A 168 7.40 12.06 -9.05
C ASP A 168 8.79 12.56 -8.60
N GLY A 169 8.93 12.86 -7.31
CA GLY A 169 10.18 13.37 -6.77
C GLY A 169 10.15 14.87 -6.58
N THR A 170 9.21 15.53 -7.27
CA THR A 170 9.03 16.96 -7.17
C THR A 170 7.73 17.31 -6.45
N SER A 171 6.64 16.61 -6.79
CA SER A 171 5.35 16.88 -6.20
C SER A 171 4.53 15.62 -6.06
N PRO A 172 3.59 15.62 -5.10
CA PRO A 172 2.57 14.57 -5.09
CA PRO A 172 2.57 14.57 -5.08
C PRO A 172 1.70 14.69 -6.32
N LEU A 173 1.07 13.57 -6.69
CA LEU A 173 0.35 13.45 -7.95
C LEU A 173 -1.13 13.16 -7.73
N ASN A 174 -2.00 13.75 -8.55
CA ASN A 174 -3.39 13.31 -8.58
C ASN A 174 -3.66 12.36 -9.74
N THR A 175 -2.66 12.08 -10.55
CA THR A 175 -2.89 11.29 -11.76
C THR A 175 -2.95 9.79 -11.46
N VAL A 176 -3.59 9.07 -12.38
CA VAL A 176 -3.92 7.67 -12.21
C VAL A 176 -3.74 6.98 -13.55
N GLU A 177 -3.22 5.77 -13.54
CA GLU A 177 -3.11 4.98 -14.77
C GLU A 177 -3.41 3.52 -14.46
N ARG A 178 -3.83 2.78 -15.47
CA ARG A 178 -4.14 1.37 -15.25
C ARG A 178 -3.50 0.50 -16.32
N TYR A 179 -3.16 -0.73 -15.89
CA TYR A 179 -2.37 -1.66 -16.67
C TYR A 179 -3.24 -2.80 -17.16
N ASN A 180 -3.18 -3.03 -18.46
CA ASN A 180 -3.85 -4.12 -19.16
C ASN A 180 -2.81 -5.23 -19.37
N PRO A 181 -2.94 -6.36 -18.66
CA PRO A 181 -1.91 -7.41 -18.76
CA PRO A 181 -1.92 -7.41 -18.76
C PRO A 181 -1.96 -8.16 -20.09
N GLN A 182 -3.10 -8.16 -20.76
CA GLN A 182 -3.20 -8.82 -22.06
CA GLN A 182 -3.21 -8.81 -22.07
C GLN A 182 -2.40 -8.06 -23.12
N GLU A 183 -2.46 -6.74 -23.05
CA GLU A 183 -1.73 -5.87 -23.98
C GLU A 183 -0.32 -5.55 -23.50
N ASN A 184 -0.08 -5.69 -22.20
CA ASN A 184 1.14 -5.17 -21.58
C ASN A 184 1.30 -3.68 -21.87
N ARG A 185 0.27 -2.92 -21.51
CA ARG A 185 0.25 -1.48 -21.74
C ARG A 185 -0.44 -0.78 -20.58
N TRP A 186 0.03 0.45 -20.27
CA TRP A 186 -0.60 1.32 -19.30
C TRP A 186 -1.43 2.37 -20.06
N HIS A 187 -2.54 2.78 -19.44
CA HIS A 187 -3.40 3.78 -20.03
C HIS A 187 -3.73 4.86 -18.93
N THR A 188 -3.69 6.19 -19.15
N THR A 188 -3.77 6.10 -19.22
CA THR A 188 -4.00 7.17 -18.14
CA THR A 188 -4.08 7.11 -18.22
C THR A 188 -5.49 7.38 -18.11
C THR A 188 -5.57 7.33 -18.16
N ILE A 189 -6.03 7.38 -16.89
N ILE A 189 -6.11 7.33 -16.93
CA ILE A 189 -7.46 7.55 -16.73
CA ILE A 189 -7.54 7.49 -16.75
C ILE A 189 -7.72 8.77 -15.85
C ILE A 189 -7.82 8.75 -15.94
N ALA A 190 -8.98 8.93 -15.41
CA ALA A 190 -9.35 10.17 -14.76
C ALA A 190 -8.52 10.39 -13.50
N PRO A 191 -8.16 11.65 -13.23
CA PRO A 191 -7.37 11.94 -12.02
C PRO A 191 -8.23 12.14 -10.79
N MET A 192 -7.61 11.89 -9.62
CA MET A 192 -8.22 12.22 -8.34
C MET A 192 -8.43 13.72 -8.21
N GLY A 193 -9.31 14.08 -7.28
CA GLY A 193 -9.52 15.48 -6.94
C GLY A 193 -8.39 16.10 -6.14
N THR A 194 -7.60 15.26 -5.47
CA THR A 194 -6.53 15.71 -4.59
C THR A 194 -5.26 14.97 -4.96
N ARG A 195 -4.13 15.68 -4.94
CA ARG A 195 -2.83 15.05 -5.08
C ARG A 195 -2.51 14.27 -3.82
N ARG A 196 -2.07 13.02 -3.97
CA ARG A 196 -1.82 12.18 -2.81
C ARG A 196 -0.61 11.29 -3.01
N LYS A 197 0.34 11.37 -2.08
CA LYS A 197 1.43 10.40 -2.00
C LYS A 197 1.33 9.66 -0.67
N HIS A 198 1.81 8.41 -0.61
CA HIS A 198 1.76 7.61 0.62
C HIS A 198 0.33 7.42 1.11
N LEU A 199 -0.58 7.26 0.14
CA LEU A 199 -1.99 7.02 0.39
C LEU A 199 -2.28 5.53 0.51
N GLY A 200 -3.49 5.20 0.92
CA GLY A 200 -3.98 3.84 0.87
C GLY A 200 -5.05 3.67 -0.20
N CYS A 201 -5.04 2.53 -0.88
CA CYS A 201 -6.05 2.21 -1.88
CA CYS A 201 -5.97 2.21 -1.93
C CYS A 201 -6.52 0.79 -1.73
N ALA A 202 -7.79 0.56 -2.04
CA ALA A 202 -8.38 -0.77 -1.99
C ALA A 202 -9.66 -0.77 -2.77
N VAL A 203 -10.02 -1.92 -3.31
CA VAL A 203 -11.33 -2.09 -3.93
C VAL A 203 -12.37 -2.38 -2.87
N TYR A 204 -13.47 -1.63 -2.92
CA TYR A 204 -14.58 -1.84 -2.01
C TYR A 204 -15.84 -1.54 -2.79
N GLN A 205 -16.77 -2.49 -2.77
CA GLN A 205 -18.03 -2.35 -3.49
C GLN A 205 -17.81 -1.97 -4.96
N ASP A 206 -16.82 -2.62 -5.57
CA ASP A 206 -16.52 -2.48 -7.00
C ASP A 206 -16.17 -1.07 -7.44
N MET A 207 -15.60 -0.34 -6.51
CA MET A 207 -14.97 0.94 -6.81
C MET A 207 -13.61 0.96 -6.14
N ILE A 208 -12.71 1.80 -6.64
CA ILE A 208 -11.41 1.96 -6.00
CA ILE A 208 -11.40 1.98 -6.04
C ILE A 208 -11.48 3.11 -5.01
N TYR A 209 -11.26 2.80 -3.74
CA TYR A 209 -11.20 3.82 -2.71
C TYR A 209 -9.75 4.27 -2.51
N ALA A 210 -9.59 5.59 -2.41
CA ALA A 210 -8.29 6.21 -2.15
C ALA A 210 -8.48 7.03 -0.88
N VAL A 211 -7.64 6.77 0.16
CA VAL A 211 -7.73 7.50 1.41
C VAL A 211 -6.39 8.06 1.89
N GLY A 212 -6.44 9.19 2.56
CA GLY A 212 -5.25 9.70 3.20
C GLY A 212 -4.12 10.06 2.25
N GLY A 213 -2.90 9.90 2.77
CA GLY A 213 -1.71 10.36 2.07
C GLY A 213 -1.33 11.77 2.49
N ARG A 214 -0.40 12.35 1.75
CA ARG A 214 -0.04 13.75 1.85
C ARG A 214 -0.27 14.42 0.51
N ASP A 215 -0.81 15.63 0.54
CA ASP A 215 -0.78 16.48 -0.65
C ASP A 215 0.43 17.39 -0.56
N ASP A 216 0.41 18.55 -1.21
N ASP A 216 0.33 18.51 -1.26
CA ASP A 216 1.56 19.43 -1.18
CA ASP A 216 1.48 19.39 -1.23
C ASP A 216 1.92 19.97 0.21
C ASP A 216 1.84 19.94 0.17
N THR A 217 0.94 20.05 1.11
CA THR A 217 1.11 20.81 2.35
C THR A 217 0.76 20.07 3.64
N THR A 218 0.05 18.94 3.56
CA THR A 218 -0.43 18.31 4.77
C THR A 218 -0.76 16.83 4.60
N GLU A 219 -0.68 16.11 5.70
CA GLU A 219 -1.32 14.81 5.82
C GLU A 219 -2.84 14.99 5.67
N LEU A 220 -3.48 14.03 5.04
CA LEU A 220 -4.88 14.12 4.63
C LEU A 220 -5.77 13.15 5.40
N SER A 221 -6.97 13.63 5.77
CA SER A 221 -8.04 12.75 6.24
C SER A 221 -9.06 12.46 5.12
N SER A 222 -8.96 13.18 4.01
CA SER A 222 -9.95 13.05 2.95
C SER A 222 -9.86 11.71 2.22
N ALA A 223 -10.93 11.41 1.50
CA ALA A 223 -11.05 10.16 0.78
C ALA A 223 -11.84 10.40 -0.51
N GLU A 224 -11.69 9.49 -1.45
CA GLU A 224 -12.46 9.55 -2.68
C GLU A 224 -12.53 8.16 -3.31
N ARG A 225 -13.44 7.97 -4.25
CA ARG A 225 -13.62 6.66 -4.88
C ARG A 225 -13.82 6.79 -6.38
N TYR A 226 -13.33 5.79 -7.10
CA TYR A 226 -13.31 5.75 -8.56
C TYR A 226 -14.24 4.66 -9.07
N ASN A 227 -15.14 5.02 -9.99
CA ASN A 227 -16.00 4.04 -10.65
C ASN A 227 -15.52 3.86 -12.09
N PRO A 228 -15.01 2.66 -12.44
CA PRO A 228 -14.54 2.49 -13.82
C PRO A 228 -15.65 2.63 -14.87
N ARG A 229 -16.91 2.39 -14.52
CA ARG A 229 -17.98 2.54 -15.51
C ARG A 229 -18.04 3.98 -16.02
N THR A 230 -17.97 4.93 -15.09
CA THR A 230 -18.11 6.34 -15.41
C THR A 230 -16.77 7.03 -15.64
N ASN A 231 -15.66 6.38 -15.28
CA ASN A 231 -14.34 6.99 -15.29
C ASN A 231 -14.34 8.30 -14.51
N GLN A 232 -14.95 8.27 -13.33
CA GLN A 232 -15.02 9.45 -12.46
CA GLN A 232 -15.02 9.44 -12.46
C GLN A 232 -14.62 9.12 -11.03
N TRP A 233 -13.93 10.07 -10.41
CA TRP A 233 -13.66 10.06 -8.98
C TRP A 233 -14.68 10.94 -8.28
N SER A 234 -15.13 10.51 -7.12
CA SER A 234 -16.06 11.28 -6.30
C SER A 234 -15.59 11.32 -4.86
N PRO A 235 -15.78 12.46 -4.17
CA PRO A 235 -15.37 12.54 -2.77
CA PRO A 235 -15.35 12.53 -2.77
C PRO A 235 -16.12 11.56 -1.87
N VAL A 236 -15.43 11.07 -0.85
CA VAL A 236 -15.99 10.19 0.16
C VAL A 236 -15.78 10.90 1.50
N VAL A 237 -16.71 10.70 2.44
CA VAL A 237 -16.61 11.29 3.77
C VAL A 237 -15.21 11.08 4.37
N ALA A 238 -14.68 12.14 5.00
CA ALA A 238 -13.32 12.11 5.55
C ALA A 238 -13.21 11.21 6.77
N MET A 239 -12.02 10.64 6.95
CA MET A 239 -11.68 9.85 8.12
C MET A 239 -11.62 10.77 9.33
N THR A 240 -11.62 10.12 10.50
CA THR A 240 -11.51 10.83 11.76
C THR A 240 -10.14 11.50 11.89
N SER A 241 -9.09 10.78 11.49
CA SER A 241 -7.72 11.26 11.59
CA SER A 241 -7.73 11.28 11.59
C SER A 241 -7.09 11.48 10.22
N ARG A 242 -6.24 12.49 10.13
CA ARG A 242 -5.33 12.63 8.99
C ARG A 242 -4.32 11.47 9.06
N ARG A 243 -4.06 10.82 7.90
CA ARG A 243 -3.19 9.68 7.88
C ARG A 243 -2.32 9.57 6.62
N SER A 244 -1.05 9.99 6.70
CA SER A 244 -0.10 9.72 5.62
CA SER A 244 -0.18 9.68 5.57
C SER A 244 0.50 8.33 5.93
N GLY A 245 0.90 7.58 4.90
CA GLY A 245 1.50 6.25 5.05
C GLY A 245 0.53 5.27 5.70
N VAL A 246 -0.73 5.38 5.29
CA VAL A 246 -1.85 4.59 5.80
C VAL A 246 -2.07 3.33 4.99
N GLY A 247 -2.42 2.24 5.68
CA GLY A 247 -2.79 1.01 5.01
C GLY A 247 -4.30 0.98 4.80
N LEU A 248 -4.76 0.32 3.74
CA LEU A 248 -6.19 0.22 3.47
C LEU A 248 -6.49 -1.16 2.91
N ALA A 249 -7.46 -1.85 3.52
CA ALA A 249 -7.82 -3.18 3.06
C ALA A 249 -9.25 -3.48 3.44
N VAL A 250 -9.82 -4.51 2.80
CA VAL A 250 -11.17 -4.97 3.09
C VAL A 250 -11.06 -6.33 3.80
N VAL A 251 -11.62 -6.42 5.00
N VAL A 251 -11.63 -6.41 4.99
CA VAL A 251 -11.56 -7.64 5.81
CA VAL A 251 -11.58 -7.64 5.79
C VAL A 251 -13.01 -8.00 6.18
C VAL A 251 -13.01 -8.00 6.19
N ASN A 252 -13.46 -9.20 5.81
CA ASN A 252 -14.83 -9.63 6.04
C ASN A 252 -15.82 -8.56 5.56
N GLY A 253 -15.55 -8.01 4.39
CA GLY A 253 -16.45 -7.07 3.76
C GLY A 253 -16.44 -5.66 4.35
N GLN A 254 -15.51 -5.38 5.26
CA GLN A 254 -15.40 -4.06 5.85
C GLN A 254 -14.10 -3.36 5.46
N LEU A 255 -14.24 -2.11 5.03
CA LEU A 255 -13.11 -1.30 4.61
C LEU A 255 -12.43 -0.69 5.84
N MET A 256 -11.14 -0.99 6.01
CA MET A 256 -10.37 -0.59 7.19
CA MET A 256 -10.39 -0.57 7.19
C MET A 256 -9.13 0.21 6.82
N ALA A 257 -8.98 1.39 7.41
CA ALA A 257 -7.78 2.20 7.29
C ALA A 257 -6.92 1.96 8.52
N VAL A 258 -5.62 1.79 8.32
CA VAL A 258 -4.74 1.31 9.38
C VAL A 258 -3.51 2.20 9.57
N GLY A 259 -3.30 2.71 10.78
CA GLY A 259 -2.07 3.40 11.11
C GLY A 259 -1.83 4.70 10.35
N GLY A 260 -0.55 5.03 10.16
CA GLY A 260 -0.15 6.24 9.50
C GLY A 260 0.51 7.26 10.41
N PHE A 261 0.52 8.51 9.96
CA PHE A 261 1.08 9.64 10.70
C PHE A 261 0.17 10.82 10.46
N ASP A 262 -0.21 11.53 11.53
CA ASP A 262 -1.21 12.60 11.37
C ASP A 262 -0.63 14.01 11.30
N GLY A 263 0.69 14.14 11.24
CA GLY A 263 1.34 15.44 11.31
C GLY A 263 2.09 15.65 12.61
N THR A 264 1.69 14.92 13.65
CA THR A 264 2.29 15.03 14.98
C THR A 264 2.65 13.67 15.58
N THR A 265 1.77 12.70 15.36
CA THR A 265 1.79 11.44 16.06
C THR A 265 1.82 10.25 15.10
N TYR A 266 2.66 9.26 15.39
CA TYR A 266 2.63 7.97 14.69
C TYR A 266 1.43 7.19 15.21
N LEU A 267 0.66 6.60 14.31
CA LEU A 267 -0.66 6.09 14.68
C LEU A 267 -0.74 4.58 14.80
N LYS A 268 -1.40 4.13 15.86
CA LYS A 268 -1.77 2.73 15.99
C LYS A 268 -3.28 2.53 15.82
N THR A 269 -4.05 3.63 15.83
CA THR A 269 -5.49 3.51 15.65
C THR A 269 -5.84 3.03 14.25
N ILE A 270 -7.03 2.47 14.12
CA ILE A 270 -7.60 2.07 12.83
C ILE A 270 -9.01 2.66 12.72
N GLU A 271 -9.51 2.75 11.49
CA GLU A 271 -10.88 3.22 11.26
C GLU A 271 -11.59 2.29 10.31
N VAL A 272 -12.87 2.07 10.57
CA VAL A 272 -13.69 1.24 9.70
C VAL A 272 -14.79 2.09 9.07
N PHE A 273 -14.89 2.02 7.75
CA PHE A 273 -15.89 2.77 7.02
C PHE A 273 -17.27 2.12 7.18
N ASP A 274 -18.28 2.94 7.45
CA ASP A 274 -19.65 2.48 7.53
C ASP A 274 -20.42 3.19 6.40
N PRO A 275 -20.63 2.50 5.27
CA PRO A 275 -21.30 3.11 4.11
CA PRO A 275 -21.28 3.18 4.14
C PRO A 275 -22.73 3.56 4.41
N ASP A 276 -23.43 2.76 5.21
CA ASP A 276 -24.83 3.06 5.53
C ASP A 276 -24.97 4.34 6.36
N ALA A 277 -24.10 4.48 7.36
CA ALA A 277 -24.08 5.66 8.21
C ALA A 277 -23.31 6.81 7.57
N ASN A 278 -22.55 6.48 6.53
CA ASN A 278 -21.66 7.43 5.86
C ASN A 278 -20.69 8.10 6.84
N THR A 279 -19.96 7.28 7.58
CA THR A 279 -18.99 7.79 8.53
C THR A 279 -17.89 6.75 8.73
N TRP A 280 -16.75 7.22 9.20
CA TRP A 280 -15.66 6.32 9.58
C TRP A 280 -15.66 6.21 11.12
N ARG A 281 -15.55 5.01 11.64
CA ARG A 281 -15.52 4.80 13.09
C ARG A 281 -14.11 4.45 13.55
N LEU A 282 -13.62 5.20 14.48
N LEU A 282 -13.61 5.21 14.50
CA LEU A 282 -12.25 5.06 15.01
CA LEU A 282 -12.25 5.08 15.01
C LEU A 282 -12.17 4.08 16.14
C LEU A 282 -12.18 4.05 16.12
N TYR A 283 -11.18 3.17 16.06
CA TYR A 283 -10.93 2.21 17.12
C TYR A 283 -9.49 2.26 17.62
N GLY A 284 -9.27 1.77 18.84
CA GLY A 284 -7.97 1.86 19.50
C GLY A 284 -6.84 1.27 18.70
N GLY A 285 -7.11 0.14 18.04
CA GLY A 285 -6.19 -0.39 17.06
C GLY A 285 -5.07 -1.29 17.54
N MET A 286 -3.92 -1.12 16.88
CA MET A 286 -2.79 -2.03 16.95
C MET A 286 -1.97 -1.96 18.24
N ASN A 287 -1.15 -2.98 18.45
CA ASN A 287 -0.17 -2.96 19.51
C ASN A 287 0.90 -1.89 19.31
N TYR A 288 1.33 -1.72 18.07
CA TYR A 288 2.38 -0.76 17.74
C TYR A 288 1.95 0.27 16.72
N ARG A 289 2.45 1.49 16.88
CA ARG A 289 2.26 2.56 15.92
C ARG A 289 3.07 2.28 14.65
N ARG A 290 2.46 2.49 13.49
CA ARG A 290 3.11 2.15 12.23
C ARG A 290 2.80 3.17 11.13
N LEU A 291 3.83 3.92 10.74
CA LEU A 291 3.77 4.74 9.53
C LEU A 291 4.34 3.93 8.38
N GLY A 292 3.61 3.79 7.28
CA GLY A 292 4.17 3.15 6.10
C GLY A 292 4.53 1.68 6.27
N GLY A 293 3.74 0.95 7.04
CA GLY A 293 3.80 -0.51 6.98
C GLY A 293 3.00 -0.95 5.78
N GLY A 294 2.65 -2.23 5.73
CA GLY A 294 1.74 -2.73 4.72
C GLY A 294 0.70 -3.62 5.38
N VAL A 295 -0.39 -3.89 4.66
CA VAL A 295 -1.43 -4.77 5.15
C VAL A 295 -1.76 -5.84 4.12
N GLY A 296 -2.10 -7.02 4.62
CA GLY A 296 -2.52 -8.11 3.77
C GLY A 296 -3.65 -8.86 4.45
N VAL A 297 -4.53 -9.44 3.65
CA VAL A 297 -5.70 -10.14 4.14
C VAL A 297 -5.64 -11.62 3.74
N ILE A 298 -5.74 -12.49 4.74
CA ILE A 298 -5.67 -13.93 4.53
C ILE A 298 -7.01 -14.55 4.87
N LYS A 299 -7.50 -15.42 4.00
CA LYS A 299 -8.72 -16.16 4.25
C LYS A 299 -8.41 -17.43 5.05
N MET A 300 -8.86 -17.47 6.30
CA MET A 300 -8.61 -18.62 7.16
C MET A 300 -9.81 -19.56 7.22
N LEU B 1 20.80 7.70 -1.81
CA LEU B 1 20.93 7.98 -0.38
C LEU B 1 19.76 8.83 0.07
N GLY B 2 19.83 9.35 1.29
CA GLY B 2 18.75 10.15 1.85
C GLY B 2 17.74 9.31 2.60
N LEU B 3 17.12 9.93 3.59
CA LEU B 3 15.97 9.33 4.25
C LEU B 3 14.86 9.08 3.22
N PRO B 4 14.10 8.01 3.36
CA PRO B 4 12.96 7.82 2.47
C PRO B 4 11.96 9.01 2.62
N ASP B 5 11.35 9.37 1.52
CA ASP B 5 10.37 10.44 1.51
C ASP B 5 9.22 10.21 2.49
N LEU B 6 8.88 8.93 2.68
CA LEU B 6 7.84 8.58 3.60
C LEU B 6 8.04 9.12 5.00
N VAL B 7 9.28 9.10 5.47
CA VAL B 7 9.60 9.36 6.87
C VAL B 7 10.29 10.62 7.27
N ALA B 8 10.95 11.29 6.35
CA ALA B 8 11.67 12.51 6.72
C ALA B 8 10.70 13.57 7.25
N LYS B 9 11.15 14.35 8.22
CA LYS B 9 10.31 15.38 8.82
C LYS B 9 10.00 16.51 7.86
N TYR B 10 8.88 17.19 8.09
CA TYR B 10 8.54 18.38 7.29
C TYR B 10 8.78 19.71 8.01
N ASN B 11 9.00 19.65 9.32
CA ASN B 11 9.16 20.89 10.09
C ASN B 11 10.60 21.40 10.18
#